data_2PRG
#
_entry.id   2PRG
#
_cell.length_a   52.210
_cell.length_b   69.061
_cell.length_c   177.966
_cell.angle_alpha   90.00
_cell.angle_beta   90.00
_cell.angle_gamma   90.00
#
_symmetry.space_group_name_H-M   'P 21 21 21'
#
loop_
_entity.id
_entity.type
_entity.pdbx_description
1 polymer 'PEROXISOME PROLIFERATOR ACTIVATED RECEPTOR GAMMA'
2 polymer 'NUCLEAR RECEPTOR COACTIVATOR SRC-1'
3 non-polymer '2,4-THIAZOLIDIINEDIONE, 5-[[4-[2-(METHYL-2-PYRIDINYLAMINO)ETHOXY]PHENYL]METHYL]-(9CL)'
4 water water
#
loop_
_entity_poly.entity_id
_entity_poly.type
_entity_poly.pdbx_seq_one_letter_code
_entity_poly.pdbx_strand_id
1 'polypeptide(L)'
;ESADLRALAKHLYDSYIKSFPLTKAKARAILTGKTTDKSPFVIYDMNSLMMGEDKIKFKHITPLQEQSKEVAIRIFQGCQ
FRSVEAVQEITEYAKSIPGFVNLDLNDQVTLLKYGVHEIIYTMLASLMNKDGVLISEGQGFMTREFLKSLRKPFGDFMEP
KFEFAVKFNALELDDSDLAIFIAVIILSGDRPGLLNVKPIEDIQDNLLQALELQLKLNHPESSQLFAKLLQKMTDLRQIV
TEHVQLLQVIKKTETDMSLHPLLQEIYKDLY
;
A,B
2 'polypeptide(L)'
;DSKYSQTSHKLVQLLTTTAEQQLRHADIDTSCKDVLSCTGTSNSASANSSGGSCPSSHSSLTERHKILHRLLQEGSPSDI
TTLSVEPD
;
C
#
loop_
_chem_comp.id
_chem_comp.type
_chem_comp.name
_chem_comp.formula
BRL non-polymer '2,4-THIAZOLIDIINEDIONE, 5-[[4-[2-(METHYL-2-PYRIDINYLAMINO)ETHOXY]PHENYL]METHYL]-(9CL)' 'C18 H19 N3 O3 S'
#
# COMPACT_ATOMS: atom_id res chain seq x y z
N GLU A 1 27.24 9.48 -3.26
CA GLU A 1 27.72 9.51 -4.68
C GLU A 1 27.45 8.16 -5.36
N SER A 2 27.44 8.21 -6.69
CA SER A 2 27.17 7.04 -7.51
C SER A 2 27.94 5.75 -7.25
N ALA A 3 29.26 5.85 -7.03
CA ALA A 3 30.06 4.65 -6.80
C ALA A 3 29.59 3.90 -5.58
N ASP A 4 29.34 4.63 -4.51
CA ASP A 4 28.86 4.02 -3.27
C ASP A 4 27.44 3.45 -3.46
N LEU A 5 26.61 4.13 -4.25
CA LEU A 5 25.26 3.64 -4.49
C LEU A 5 25.30 2.32 -5.24
N ARG A 6 26.28 2.17 -6.12
CA ARG A 6 26.43 0.92 -6.88
C ARG A 6 26.97 -0.15 -5.96
N ALA A 7 27.95 0.21 -5.13
CA ALA A 7 28.53 -0.76 -4.19
C ALA A 7 27.45 -1.23 -3.22
N LEU A 8 26.54 -0.32 -2.85
CA LEU A 8 25.45 -0.66 -1.94
C LEU A 8 24.51 -1.64 -2.66
N ALA A 9 24.26 -1.38 -3.94
CA ALA A 9 23.38 -2.23 -4.74
C ALA A 9 23.94 -3.64 -4.86
N LYS A 10 25.24 -3.74 -5.10
CA LYS A 10 25.84 -5.05 -5.24
C LYS A 10 25.91 -5.81 -3.92
N HIS A 11 26.22 -5.10 -2.85
CA HIS A 11 26.28 -5.72 -1.52
C HIS A 11 24.94 -6.39 -1.24
N LEU A 12 23.86 -5.67 -1.51
CA LEU A 12 22.52 -6.19 -1.27
C LEU A 12 22.18 -7.36 -2.17
N TYR A 13 22.58 -7.26 -3.43
CA TYR A 13 22.30 -8.35 -4.36
C TYR A 13 23.07 -9.60 -3.95
N ASP A 14 24.32 -9.45 -3.51
CA ASP A 14 25.09 -10.62 -3.07
C ASP A 14 24.48 -11.29 -1.85
N SER A 15 24.08 -10.50 -0.85
CA SER A 15 23.51 -11.10 0.35
C SER A 15 22.15 -11.69 0.02
N TYR A 16 21.48 -11.10 -0.96
CA TYR A 16 20.18 -11.60 -1.40
C TYR A 16 20.42 -12.97 -2.03
N ILE A 17 21.47 -13.09 -2.85
CA ILE A 17 21.78 -14.37 -3.47
C ILE A 17 22.08 -15.42 -2.39
N LYS A 18 22.74 -15.00 -1.33
CA LYS A 18 23.08 -15.92 -0.25
C LYS A 18 21.97 -16.30 0.71
N SER A 19 20.96 -15.44 0.84
CA SER A 19 19.86 -15.67 1.79
C SER A 19 18.66 -16.40 1.22
N PHE A 20 18.40 -16.21 -0.07
CA PHE A 20 17.24 -16.80 -0.72
C PHE A 20 17.61 -17.86 -1.75
N PRO A 21 17.26 -19.13 -1.47
CA PRO A 21 17.53 -20.28 -2.32
C PRO A 21 16.89 -20.16 -3.71
N LEU A 22 15.57 -19.99 -3.71
CA LEU A 22 14.83 -19.88 -4.94
C LEU A 22 14.65 -18.43 -5.41
N THR A 23 15.55 -18.01 -6.28
CA THR A 23 15.53 -16.65 -6.84
C THR A 23 14.58 -16.59 -8.01
N LYS A 24 14.27 -15.39 -8.47
CA LYS A 24 13.38 -15.22 -9.61
C LYS A 24 14.01 -15.84 -10.87
N ALA A 25 15.32 -15.70 -11.01
CA ALA A 25 16.02 -16.24 -12.17
C ALA A 25 15.83 -17.75 -12.26
N LYS A 26 15.99 -18.44 -11.13
CA LYS A 26 15.81 -19.88 -11.11
C LYS A 26 14.35 -20.21 -11.32
N ALA A 27 13.48 -19.47 -10.64
CA ALA A 27 12.04 -19.68 -10.72
C ALA A 27 11.47 -19.52 -12.14
N ARG A 28 11.87 -18.45 -12.84
CA ARG A 28 11.34 -18.24 -14.18
C ARG A 28 11.83 -19.33 -15.13
N ALA A 29 13.06 -19.80 -14.93
CA ALA A 29 13.61 -20.86 -15.77
C ALA A 29 12.70 -22.08 -15.63
N ILE A 30 12.51 -22.52 -14.39
CA ILE A 30 11.67 -23.68 -14.11
C ILE A 30 10.30 -23.53 -14.74
N LEU A 31 9.67 -22.38 -14.51
CA LEU A 31 8.34 -22.08 -15.05
C LEU A 31 8.31 -21.93 -16.56
N THR A 32 9.48 -21.78 -17.16
CA THR A 32 9.60 -21.61 -18.61
C THR A 32 9.88 -22.91 -19.35
N GLY A 33 10.71 -23.76 -18.76
CA GLY A 33 11.04 -25.01 -19.39
C GLY A 33 12.54 -25.24 -19.45
N LYS A 34 13.31 -24.25 -19.02
CA LYS A 34 14.76 -24.39 -19.02
C LYS A 34 15.17 -25.46 -18.03
N THR A 35 16.43 -25.42 -17.60
CA THR A 35 16.97 -26.39 -16.65
C THR A 35 16.51 -27.81 -16.94
N THR A 36 17.39 -28.59 -17.57
CA THR A 36 17.07 -29.97 -17.92
C THR A 36 17.43 -30.94 -16.80
N ASP A 37 16.45 -31.24 -15.94
CA ASP A 37 16.66 -32.16 -14.84
C ASP A 37 15.34 -32.57 -14.21
N LYS A 38 14.27 -31.83 -14.51
CA LYS A 38 12.95 -32.12 -13.95
C LYS A 38 11.89 -31.10 -14.34
N SER A 39 10.67 -31.58 -14.55
CA SER A 39 9.56 -30.71 -14.88
C SER A 39 8.74 -30.70 -13.59
N PRO A 40 8.22 -29.53 -13.19
CA PRO A 40 7.42 -29.42 -11.96
C PRO A 40 6.19 -30.30 -11.94
N PHE A 41 6.00 -31.03 -10.85
CA PHE A 41 4.83 -31.87 -10.70
C PHE A 41 3.68 -30.88 -10.55
N VAL A 42 2.61 -31.05 -11.32
CA VAL A 42 1.49 -30.11 -11.24
C VAL A 42 0.25 -30.61 -10.51
N ILE A 43 -0.12 -29.90 -9.46
CA ILE A 43 -1.30 -30.22 -8.68
C ILE A 43 -2.40 -29.28 -9.15
N TYR A 44 -3.38 -29.83 -9.87
CA TYR A 44 -4.48 -29.04 -10.40
C TYR A 44 -5.83 -29.54 -9.90
N ASP A 45 -5.81 -30.55 -9.03
CA ASP A 45 -7.03 -31.12 -8.48
C ASP A 45 -6.73 -32.04 -7.30
N MET A 46 -7.76 -32.64 -6.75
CA MET A 46 -7.61 -33.53 -5.60
C MET A 46 -6.81 -34.80 -5.89
N ASN A 47 -6.99 -35.42 -7.06
CA ASN A 47 -6.24 -36.63 -7.39
C ASN A 47 -4.75 -36.33 -7.46
N SER A 48 -4.40 -35.30 -8.23
CA SER A 48 -3.01 -34.89 -8.37
C SER A 48 -2.43 -34.48 -7.02
N LEU A 49 -3.26 -33.87 -6.17
CA LEU A 49 -2.76 -33.50 -4.85
C LEU A 49 -2.37 -34.78 -4.10
N MET A 50 -3.19 -35.82 -4.24
CA MET A 50 -2.92 -37.09 -3.57
C MET A 50 -1.61 -37.69 -4.09
N MET A 51 -1.49 -37.75 -5.42
CA MET A 51 -0.30 -38.32 -6.03
C MET A 51 0.94 -37.53 -5.63
N GLY A 52 0.76 -36.21 -5.49
CA GLY A 52 1.87 -35.36 -5.09
C GLY A 52 2.32 -35.70 -3.69
N GLU A 53 1.37 -35.80 -2.77
CA GLU A 53 1.68 -36.13 -1.39
C GLU A 53 2.25 -37.55 -1.27
N ASP A 54 1.85 -38.44 -2.17
CA ASP A 54 2.38 -39.80 -2.11
C ASP A 54 3.85 -39.78 -2.48
N LYS A 55 4.20 -39.08 -3.56
CA LYS A 55 5.58 -39.00 -3.99
C LYS A 55 6.47 -38.44 -2.87
N ILE A 56 5.92 -37.51 -2.10
CA ILE A 56 6.65 -36.93 -0.99
C ILE A 56 6.86 -38.01 0.07
N LYS A 57 5.96 -38.98 0.08
CA LYS A 57 6.04 -40.09 1.03
C LYS A 57 7.04 -41.15 0.56
N PHE A 58 7.24 -41.24 -0.75
CA PHE A 58 8.21 -42.20 -1.29
C PHE A 58 9.58 -41.75 -0.82
N LYS A 59 9.68 -40.46 -0.50
CA LYS A 59 10.92 -39.85 -0.04
C LYS A 59 10.98 -39.86 1.48
N HIS A 60 12.09 -39.39 2.04
CA HIS A 60 12.24 -39.34 3.48
C HIS A 60 11.10 -38.57 4.13
N ILE A 61 11.05 -38.58 5.46
CA ILE A 61 9.99 -37.88 6.19
C ILE A 61 10.50 -36.56 6.77
N THR A 62 9.64 -35.55 6.76
CA THR A 62 10.00 -34.24 7.28
C THR A 62 8.95 -33.74 8.27
N PRO A 63 9.40 -33.16 9.39
CA PRO A 63 8.48 -32.65 10.42
C PRO A 63 7.49 -31.64 9.85
N LEU A 64 6.32 -32.16 9.44
CA LEU A 64 5.27 -31.33 8.88
C LEU A 64 3.92 -31.82 9.39
N GLN A 65 3.00 -32.06 8.46
CA GLN A 65 1.67 -32.55 8.77
C GLN A 65 1.25 -33.54 7.69
N GLU A 66 1.52 -34.82 7.92
CA GLU A 66 1.17 -35.85 6.94
C GLU A 66 -0.27 -36.32 7.04
N GLN A 67 -1.16 -35.47 6.54
CA GLN A 67 -2.60 -35.68 6.50
C GLN A 67 -3.29 -36.45 7.63
N SER A 68 -4.62 -36.43 7.54
CA SER A 68 -5.59 -37.03 8.47
C SER A 68 -6.51 -35.86 8.81
N LYS A 69 -6.17 -34.71 8.22
CA LYS A 69 -6.93 -33.47 8.39
C LYS A 69 -7.49 -33.05 7.03
N GLU A 70 -8.26 -31.98 7.02
CA GLU A 70 -8.87 -31.45 5.81
C GLU A 70 -7.85 -30.82 4.85
N VAL A 71 -8.06 -31.02 3.55
CA VAL A 71 -7.17 -30.53 2.52
C VAL A 71 -6.84 -29.05 2.63
N ALA A 72 -7.87 -28.22 2.67
CA ALA A 72 -7.72 -26.77 2.76
C ALA A 72 -6.84 -26.34 3.92
N ILE A 73 -6.90 -27.09 5.01
CA ILE A 73 -6.10 -26.77 6.17
C ILE A 73 -4.67 -27.30 6.07
N ARG A 74 -4.47 -28.45 5.44
CA ARG A 74 -3.11 -28.95 5.30
C ARG A 74 -2.36 -27.95 4.44
N ILE A 75 -3.00 -27.56 3.34
CA ILE A 75 -2.43 -26.60 2.41
C ILE A 75 -2.12 -25.29 3.13
N PHE A 76 -3.05 -24.87 3.98
CA PHE A 76 -2.91 -23.65 4.76
C PHE A 76 -1.72 -23.74 5.69
N GLN A 77 -1.57 -24.88 6.37
CA GLN A 77 -0.45 -25.07 7.27
C GLN A 77 0.84 -25.25 6.48
N GLY A 78 0.71 -25.70 5.25
CA GLY A 78 1.87 -25.88 4.40
C GLY A 78 2.51 -24.53 4.10
N CYS A 79 1.66 -23.55 3.76
CA CYS A 79 2.14 -22.21 3.46
C CYS A 79 2.78 -21.57 4.68
N GLN A 80 2.17 -21.78 5.84
CA GLN A 80 2.71 -21.21 7.08
C GLN A 80 4.05 -21.82 7.39
N PHE A 81 4.18 -23.13 7.17
CA PHE A 81 5.46 -23.78 7.44
C PHE A 81 6.53 -23.10 6.57
N ARG A 82 6.24 -22.97 5.28
CA ARG A 82 7.16 -22.34 4.34
C ARG A 82 7.45 -20.90 4.73
N SER A 83 6.51 -20.28 5.44
CA SER A 83 6.66 -18.89 5.86
C SER A 83 7.64 -18.81 7.03
N VAL A 84 7.62 -19.83 7.90
CA VAL A 84 8.54 -19.86 9.03
C VAL A 84 9.97 -19.88 8.47
N GLU A 85 10.18 -20.68 7.44
CA GLU A 85 11.50 -20.77 6.80
C GLU A 85 11.84 -19.43 6.17
N ALA A 86 10.83 -18.80 5.56
CA ALA A 86 11.02 -17.52 4.90
C ALA A 86 11.43 -16.43 5.91
N VAL A 87 10.83 -16.45 7.09
CA VAL A 87 11.16 -15.47 8.13
C VAL A 87 12.66 -15.51 8.47
N GLN A 88 13.20 -16.72 8.51
CA GLN A 88 14.61 -16.92 8.84
C GLN A 88 15.55 -16.44 7.75
N GLU A 89 15.18 -16.66 6.50
CA GLU A 89 15.98 -16.24 5.37
C GLU A 89 15.95 -14.72 5.28
N ILE A 90 14.74 -14.16 5.44
CA ILE A 90 14.52 -12.71 5.38
C ILE A 90 15.21 -11.97 6.51
N THR A 91 15.22 -12.57 7.70
CA THR A 91 15.88 -11.94 8.83
C THR A 91 17.37 -11.88 8.59
N GLU A 92 17.91 -12.94 8.01
CA GLU A 92 19.33 -12.97 7.71
C GLU A 92 19.63 -11.88 6.68
N TYR A 93 18.79 -11.77 5.65
CA TYR A 93 18.97 -10.74 4.66
C TYR A 93 18.90 -9.35 5.28
N ALA A 94 17.92 -9.17 6.17
CA ALA A 94 17.71 -7.88 6.83
C ALA A 94 18.96 -7.42 7.57
N LYS A 95 19.66 -8.36 8.20
CA LYS A 95 20.87 -8.07 8.94
C LYS A 95 22.02 -7.66 8.02
N SER A 96 21.89 -7.94 6.73
CA SER A 96 22.94 -7.59 5.77
C SER A 96 22.77 -6.17 5.25
N ILE A 97 21.61 -5.56 5.51
CA ILE A 97 21.39 -4.20 5.07
C ILE A 97 22.22 -3.29 5.96
N PRO A 98 23.15 -2.52 5.37
CA PRO A 98 24.01 -1.61 6.13
C PRO A 98 23.21 -0.73 7.08
N GLY A 99 23.61 -0.71 8.35
CA GLY A 99 22.93 0.11 9.34
C GLY A 99 21.86 -0.60 10.16
N PHE A 100 21.24 -1.62 9.58
CA PHE A 100 20.17 -2.35 10.26
C PHE A 100 20.55 -2.89 11.65
N VAL A 101 21.57 -3.75 11.70
CA VAL A 101 21.97 -4.30 13.00
C VAL A 101 22.32 -3.23 14.03
N ASN A 102 22.64 -2.02 13.60
CA ASN A 102 22.98 -0.97 14.57
C ASN A 102 21.76 -0.20 15.06
N LEU A 103 20.57 -0.54 14.56
CA LEU A 103 19.35 0.14 15.02
C LEU A 103 18.94 -0.47 16.35
N ASP A 104 18.15 0.27 17.12
CA ASP A 104 17.69 -0.23 18.41
C ASP A 104 17.06 -1.60 18.17
N LEU A 105 17.45 -2.59 18.96
CA LEU A 105 16.94 -3.94 18.82
C LEU A 105 15.42 -4.01 18.74
N ASN A 106 14.72 -3.18 19.51
CA ASN A 106 13.26 -3.18 19.49
C ASN A 106 12.72 -2.77 18.11
N ASP A 107 13.35 -1.77 17.50
CA ASP A 107 12.91 -1.35 16.18
C ASP A 107 13.23 -2.42 15.13
N GLN A 108 14.37 -3.09 15.26
CA GLN A 108 14.68 -4.17 14.32
C GLN A 108 13.52 -5.18 14.36
N VAL A 109 13.09 -5.53 15.57
CA VAL A 109 12.00 -6.47 15.74
C VAL A 109 10.73 -5.94 15.09
N THR A 110 10.42 -4.67 15.34
CA THR A 110 9.24 -4.05 14.76
C THR A 110 9.30 -4.01 13.23
N LEU A 111 10.44 -3.60 12.68
CA LEU A 111 10.60 -3.55 11.23
C LEU A 111 10.44 -4.93 10.62
N LEU A 112 11.05 -5.92 11.27
CA LEU A 112 10.98 -7.29 10.79
C LEU A 112 9.52 -7.74 10.83
N LYS A 113 8.92 -7.61 12.00
CA LYS A 113 7.55 -7.98 12.27
C LYS A 113 6.53 -7.43 11.24
N TYR A 114 6.67 -6.16 10.85
CA TYR A 114 5.75 -5.57 9.89
C TYR A 114 6.19 -5.71 8.42
N GLY A 115 7.48 -5.94 8.20
CA GLY A 115 7.95 -6.07 6.83
C GLY A 115 8.08 -7.46 6.28
N VAL A 116 8.12 -8.46 7.15
CA VAL A 116 8.27 -9.83 6.67
C VAL A 116 7.22 -10.30 5.67
N HIS A 117 5.94 -10.05 5.94
CA HIS A 117 4.94 -10.50 4.98
C HIS A 117 4.94 -9.75 3.66
N GLU A 118 5.23 -8.45 3.70
CA GLU A 118 5.26 -7.68 2.47
C GLU A 118 6.37 -8.24 1.58
N ILE A 119 7.43 -8.75 2.20
CA ILE A 119 8.53 -9.31 1.46
C ILE A 119 8.22 -10.74 1.00
N ILE A 120 7.48 -11.48 1.82
CA ILE A 120 7.13 -12.83 1.43
C ILE A 120 6.27 -12.78 0.17
N TYR A 121 5.32 -11.88 0.15
CA TYR A 121 4.42 -11.77 -1.00
C TYR A 121 5.10 -11.18 -2.23
N THR A 122 6.17 -10.40 -2.00
CA THR A 122 6.92 -9.83 -3.10
C THR A 122 7.72 -10.96 -3.74
N MET A 123 8.35 -11.77 -2.89
CA MET A 123 9.18 -12.89 -3.35
C MET A 123 8.31 -13.98 -3.97
N LEU A 124 7.12 -14.17 -3.41
CA LEU A 124 6.20 -15.19 -3.91
C LEU A 124 5.82 -14.90 -5.36
N ALA A 125 5.67 -13.62 -5.71
CA ALA A 125 5.31 -13.26 -7.08
C ALA A 125 6.31 -13.85 -8.07
N SER A 126 7.57 -13.94 -7.66
CA SER A 126 8.61 -14.49 -8.53
C SER A 126 8.29 -15.96 -8.89
N LEU A 127 7.55 -16.65 -8.01
CA LEU A 127 7.24 -18.06 -8.24
C LEU A 127 5.88 -18.25 -8.90
N MET A 128 5.22 -17.14 -9.19
CA MET A 128 3.88 -17.17 -9.80
C MET A 128 3.76 -16.64 -11.23
N ASN A 129 2.85 -17.27 -11.97
CA ASN A 129 2.50 -16.79 -13.30
C ASN A 129 0.98 -16.69 -13.14
N LYS A 130 0.28 -16.28 -14.19
CA LYS A 130 -1.17 -16.13 -14.09
C LYS A 130 -1.94 -17.40 -13.75
N ASP A 131 -1.35 -18.56 -14.04
CA ASP A 131 -2.03 -19.84 -13.80
C ASP A 131 -1.66 -20.64 -12.55
N GLY A 132 -0.56 -20.29 -11.88
CA GLY A 132 -0.19 -21.04 -10.70
C GLY A 132 1.04 -20.53 -9.99
N VAL A 133 1.49 -21.29 -8.99
CA VAL A 133 2.64 -20.92 -8.21
C VAL A 133 3.50 -22.13 -7.87
N LEU A 134 4.82 -21.94 -7.94
CA LEU A 134 5.76 -23.00 -7.63
C LEU A 134 5.76 -23.30 -6.14
N ILE A 135 5.87 -24.58 -5.80
CA ILE A 135 5.93 -25.03 -4.41
C ILE A 135 7.06 -26.06 -4.27
N SER A 136 7.38 -26.42 -3.04
CA SER A 136 8.45 -27.38 -2.77
C SER A 136 9.74 -27.04 -3.51
N GLU A 137 10.21 -25.81 -3.33
CA GLU A 137 11.45 -25.35 -3.95
C GLU A 137 11.53 -25.64 -5.46
N GLY A 138 10.43 -25.42 -6.17
CA GLY A 138 10.43 -25.65 -7.61
C GLY A 138 10.02 -27.04 -8.03
N GLN A 139 9.97 -27.96 -7.06
CA GLN A 139 9.58 -29.35 -7.34
C GLN A 139 8.17 -29.38 -7.91
N GLY A 140 7.30 -28.58 -7.33
CA GLY A 140 5.92 -28.56 -7.78
C GLY A 140 5.34 -27.24 -8.23
N PHE A 141 4.15 -27.35 -8.80
CA PHE A 141 3.40 -26.22 -9.32
C PHE A 141 1.94 -26.45 -8.98
N MET A 142 1.38 -25.63 -8.10
CA MET A 142 -0.02 -25.76 -7.73
C MET A 142 -0.82 -24.69 -8.47
N THR A 143 -1.86 -25.11 -9.18
CA THR A 143 -2.63 -24.17 -9.97
C THR A 143 -3.50 -23.19 -9.18
N ARG A 144 -3.73 -22.04 -9.81
CA ARG A 144 -4.53 -20.98 -9.22
C ARG A 144 -5.98 -21.45 -9.03
N GLU A 145 -6.49 -22.20 -10.00
CA GLU A 145 -7.87 -22.70 -9.93
C GLU A 145 -8.08 -23.70 -8.82
N PHE A 146 -7.07 -24.53 -8.57
CA PHE A 146 -7.19 -25.52 -7.50
C PHE A 146 -7.30 -24.80 -6.16
N LEU A 147 -6.41 -23.86 -5.94
CA LEU A 147 -6.37 -23.06 -4.72
C LEU A 147 -7.68 -22.31 -4.51
N LYS A 148 -8.29 -21.94 -5.62
CA LYS A 148 -9.52 -21.19 -5.62
C LYS A 148 -10.74 -22.11 -5.44
N SER A 149 -10.52 -23.41 -5.43
CA SER A 149 -11.63 -24.35 -5.23
C SER A 149 -11.81 -24.73 -3.75
N LEU A 150 -10.74 -24.60 -2.96
CA LEU A 150 -10.79 -24.94 -1.55
C LEU A 150 -11.99 -24.26 -0.92
N ARG A 151 -12.59 -24.87 0.11
CA ARG A 151 -13.77 -24.28 0.73
C ARG A 151 -13.60 -22.79 1.03
N LYS A 152 -14.55 -22.02 0.52
CA LYS A 152 -14.62 -20.56 0.59
C LYS A 152 -13.61 -19.79 1.42
N PRO A 153 -13.51 -20.06 2.72
CA PRO A 153 -12.53 -19.29 3.49
C PRO A 153 -11.15 -19.38 2.82
N PHE A 154 -10.61 -20.59 2.86
CA PHE A 154 -9.31 -20.90 2.30
C PHE A 154 -9.29 -20.84 0.80
N GLY A 155 -10.48 -20.91 0.21
CA GLY A 155 -10.59 -20.85 -1.23
C GLY A 155 -10.19 -19.51 -1.84
N ASP A 156 -10.08 -18.48 -1.03
CA ASP A 156 -9.69 -17.20 -1.61
C ASP A 156 -8.58 -16.43 -0.91
N PHE A 157 -7.67 -17.14 -0.25
CA PHE A 157 -6.59 -16.44 0.43
C PHE A 157 -5.41 -16.20 -0.50
N MET A 158 -5.35 -16.92 -1.62
CA MET A 158 -4.25 -16.76 -2.57
C MET A 158 -4.60 -15.84 -3.72
N GLU A 159 -5.88 -15.80 -4.07
CA GLU A 159 -6.33 -14.97 -5.18
C GLU A 159 -5.79 -13.54 -5.17
N PRO A 160 -5.77 -12.87 -4.00
CA PRO A 160 -5.26 -11.50 -3.97
C PRO A 160 -3.75 -11.45 -4.28
N LYS A 161 -3.02 -12.50 -3.89
CA LYS A 161 -1.58 -12.56 -4.15
C LYS A 161 -1.32 -12.75 -5.64
N PHE A 162 -2.12 -13.61 -6.26
CA PHE A 162 -2.01 -13.83 -7.71
C PHE A 162 -2.31 -12.53 -8.45
N GLU A 163 -3.38 -11.86 -8.05
CA GLU A 163 -3.76 -10.61 -8.70
C GLU A 163 -2.65 -9.56 -8.56
N PHE A 164 -2.02 -9.52 -7.39
CA PHE A 164 -0.92 -8.61 -7.17
C PHE A 164 0.27 -9.02 -8.04
N ALA A 165 0.55 -10.32 -8.04
CA ALA A 165 1.68 -10.86 -8.78
C ALA A 165 1.63 -10.53 -10.27
N VAL A 166 0.49 -10.79 -10.90
CA VAL A 166 0.36 -10.51 -12.32
C VAL A 166 0.71 -9.06 -12.61
N LYS A 167 0.22 -8.15 -11.78
CA LYS A 167 0.52 -6.73 -11.95
C LYS A 167 1.99 -6.48 -11.71
N PHE A 168 2.49 -7.01 -10.60
CA PHE A 168 3.88 -6.82 -10.21
C PHE A 168 4.87 -7.35 -11.25
N ASN A 169 4.65 -8.59 -11.70
CA ASN A 169 5.54 -9.19 -12.67
C ASN A 169 5.58 -8.46 -14.02
N ALA A 170 4.56 -7.65 -14.28
CA ALA A 170 4.54 -6.90 -15.54
C ALA A 170 5.66 -5.85 -15.54
N LEU A 171 6.26 -5.60 -14.37
CA LEU A 171 7.34 -4.63 -14.28
C LEU A 171 8.63 -5.29 -14.74
N GLU A 172 8.61 -6.62 -14.77
CA GLU A 172 9.75 -7.40 -15.21
C GLU A 172 11.06 -7.07 -14.49
N LEU A 173 10.99 -7.01 -13.17
CA LEU A 173 12.16 -6.71 -12.36
C LEU A 173 13.02 -7.99 -12.28
N ASP A 174 14.32 -7.83 -12.07
CA ASP A 174 15.17 -9.02 -11.92
C ASP A 174 15.63 -9.09 -10.48
N ASP A 175 16.40 -10.12 -10.12
CA ASP A 175 16.86 -10.26 -8.75
C ASP A 175 17.68 -9.08 -8.24
N SER A 176 18.56 -8.52 -9.06
CA SER A 176 19.36 -7.39 -8.61
C SER A 176 18.47 -6.20 -8.23
N ASP A 177 17.30 -6.05 -8.88
CA ASP A 177 16.39 -4.96 -8.57
C ASP A 177 15.62 -5.28 -7.28
N LEU A 178 15.10 -6.50 -7.20
CA LEU A 178 14.35 -6.95 -6.04
C LEU A 178 15.14 -6.83 -4.74
N ALA A 179 16.42 -7.21 -4.77
CA ALA A 179 17.22 -7.12 -3.56
C ALA A 179 17.16 -5.74 -2.92
N ILE A 180 17.19 -4.69 -3.73
CA ILE A 180 17.15 -3.32 -3.19
C ILE A 180 15.74 -2.92 -2.77
N PHE A 181 14.75 -3.38 -3.53
CA PHE A 181 13.35 -3.10 -3.26
C PHE A 181 12.95 -3.67 -1.90
N ILE A 182 13.42 -4.88 -1.64
CA ILE A 182 13.14 -5.56 -0.38
C ILE A 182 13.74 -4.80 0.79
N ALA A 183 14.91 -4.21 0.57
CA ALA A 183 15.58 -3.46 1.63
C ALA A 183 14.76 -2.21 1.97
N VAL A 184 14.31 -1.52 0.92
CA VAL A 184 13.48 -0.33 1.08
C VAL A 184 12.20 -0.68 1.86
N ILE A 185 11.66 -1.87 1.64
CA ILE A 185 10.44 -2.24 2.35
C ILE A 185 10.70 -2.43 3.83
N ILE A 186 11.77 -3.16 4.17
CA ILE A 186 12.11 -3.40 5.57
C ILE A 186 12.38 -2.08 6.32
N LEU A 187 13.14 -1.19 5.70
CA LEU A 187 13.47 0.08 6.32
C LEU A 187 12.35 1.11 6.19
N SER A 188 11.16 0.74 6.63
CA SER A 188 9.99 1.62 6.59
C SER A 188 9.83 2.32 7.94
N GLY A 189 9.94 3.65 7.94
CA GLY A 189 9.82 4.39 9.18
C GLY A 189 8.38 4.69 9.60
N ASP A 190 7.42 4.15 8.88
CA ASP A 190 6.02 4.40 9.22
C ASP A 190 5.42 3.25 10.04
N ARG A 191 6.23 2.26 10.37
CA ARG A 191 5.73 1.12 11.14
C ARG A 191 5.32 1.57 12.54
N PRO A 192 4.22 1.01 13.06
CA PRO A 192 3.69 1.33 14.39
C PRO A 192 4.63 0.97 15.54
N GLY A 193 4.79 1.89 16.48
CA GLY A 193 5.63 1.64 17.63
C GLY A 193 7.13 1.77 17.50
N LEU A 194 7.60 2.52 16.51
CA LEU A 194 9.04 2.72 16.33
C LEU A 194 9.53 3.80 17.30
N LEU A 195 10.71 3.56 17.90
CA LEU A 195 11.29 4.49 18.87
C LEU A 195 12.20 5.55 18.24
N ASN A 196 12.97 5.15 17.24
CA ASN A 196 13.91 6.05 16.56
C ASN A 196 13.61 6.07 15.07
N VAL A 197 12.69 6.90 14.63
CA VAL A 197 12.34 6.93 13.22
C VAL A 197 13.44 7.54 12.34
N LYS A 198 14.11 8.57 12.84
CA LYS A 198 15.17 9.25 12.10
C LYS A 198 16.22 8.34 11.45
N PRO A 199 16.85 7.46 12.26
CA PRO A 199 17.88 6.54 11.76
C PRO A 199 17.36 5.63 10.64
N ILE A 200 16.12 5.19 10.79
CA ILE A 200 15.50 4.32 9.81
C ILE A 200 15.27 5.05 8.50
N GLU A 201 14.81 6.29 8.58
CA GLU A 201 14.54 7.07 7.38
C GLU A 201 15.82 7.45 6.63
N ASP A 202 16.90 7.68 7.36
CA ASP A 202 18.16 8.04 6.69
C ASP A 202 18.69 6.82 5.94
N ILE A 203 18.48 5.63 6.49
CA ILE A 203 18.95 4.45 5.79
C ILE A 203 18.06 4.24 4.58
N GLN A 204 16.76 4.39 4.75
CA GLN A 204 15.86 4.21 3.62
C GLN A 204 16.14 5.20 2.49
N ASP A 205 16.50 6.44 2.84
CA ASP A 205 16.80 7.46 1.82
C ASP A 205 17.99 7.01 0.95
N ASN A 206 18.99 6.41 1.57
CA ASN A 206 20.13 5.92 0.80
C ASN A 206 19.66 4.76 -0.06
N LEU A 207 18.85 3.89 0.53
CA LEU A 207 18.32 2.75 -0.19
C LEU A 207 17.49 3.20 -1.40
N LEU A 208 16.67 4.23 -1.21
CA LEU A 208 15.83 4.74 -2.31
C LEU A 208 16.70 5.26 -3.45
N GLN A 209 17.75 6.01 -3.10
CA GLN A 209 18.67 6.53 -4.12
C GLN A 209 19.30 5.37 -4.87
N ALA A 210 19.76 4.35 -4.13
CA ALA A 210 20.40 3.19 -4.74
C ALA A 210 19.42 2.43 -5.64
N LEU A 211 18.16 2.38 -5.22
CA LEU A 211 17.13 1.71 -6.03
C LEU A 211 16.87 2.47 -7.33
N GLU A 212 16.75 3.80 -7.22
CA GLU A 212 16.50 4.65 -8.38
C GLU A 212 17.64 4.52 -9.40
N LEU A 213 18.87 4.56 -8.90
CA LEU A 213 20.02 4.44 -9.77
C LEU A 213 20.01 3.06 -10.42
N GLN A 214 19.70 2.03 -9.64
CA GLN A 214 19.66 0.67 -10.16
C GLN A 214 18.64 0.53 -11.30
N LEU A 215 17.44 1.07 -11.10
CA LEU A 215 16.42 0.95 -12.14
C LEU A 215 16.75 1.75 -13.39
N LYS A 216 17.44 2.89 -13.23
CA LYS A 216 17.82 3.69 -14.38
C LYS A 216 18.90 2.98 -15.20
N LEU A 217 19.89 2.42 -14.50
CA LEU A 217 20.97 1.74 -15.19
C LEU A 217 20.58 0.38 -15.76
N ASN A 218 19.84 -0.40 -14.97
CA ASN A 218 19.44 -1.75 -15.39
C ASN A 218 18.23 -1.75 -16.31
N HIS A 219 17.44 -0.68 -16.28
CA HIS A 219 16.24 -0.57 -17.13
C HIS A 219 16.14 0.86 -17.68
N PRO A 220 17.04 1.22 -18.61
CA PRO A 220 17.09 2.55 -19.23
C PRO A 220 15.83 2.93 -20.00
N GLU A 221 15.20 1.95 -20.64
CA GLU A 221 14.01 2.21 -21.44
C GLU A 221 12.65 2.10 -20.72
N SER A 222 12.65 1.61 -19.48
CA SER A 222 11.39 1.47 -18.73
C SER A 222 10.98 2.76 -18.05
N SER A 223 10.11 3.51 -18.73
CA SER A 223 9.63 4.78 -18.25
C SER A 223 9.01 4.76 -16.86
N GLN A 224 9.55 5.59 -15.96
CA GLN A 224 9.02 5.70 -14.61
C GLN A 224 8.89 4.38 -13.86
N LEU A 225 9.84 3.48 -14.06
CA LEU A 225 9.79 2.19 -13.39
C LEU A 225 9.89 2.38 -11.87
N PHE A 226 10.75 3.31 -11.47
CA PHE A 226 10.97 3.62 -10.07
C PHE A 226 9.64 3.97 -9.40
N ALA A 227 8.96 5.00 -9.92
CA ALA A 227 7.68 5.43 -9.36
C ALA A 227 6.61 4.33 -9.35
N LYS A 228 6.54 3.54 -10.41
CA LYS A 228 5.56 2.47 -10.49
C LYS A 228 5.85 1.41 -9.43
N LEU A 229 7.12 1.12 -9.22
CA LEU A 229 7.51 0.13 -8.23
C LEU A 229 7.14 0.61 -6.83
N LEU A 230 7.42 1.88 -6.54
CA LEU A 230 7.08 2.40 -5.22
C LEU A 230 5.59 2.28 -4.94
N GLN A 231 4.75 2.46 -5.96
CA GLN A 231 3.30 2.36 -5.79
C GLN A 231 2.84 0.95 -5.45
N LYS A 232 3.60 -0.05 -5.88
CA LYS A 232 3.26 -1.43 -5.58
C LYS A 232 3.30 -1.64 -4.08
N MET A 233 4.06 -0.79 -3.39
CA MET A 233 4.16 -0.88 -1.95
C MET A 233 2.82 -0.66 -1.26
N THR A 234 1.89 0.01 -1.93
CA THR A 234 0.57 0.24 -1.35
C THR A 234 -0.17 -1.08 -1.45
N ASP A 235 -0.07 -1.71 -2.62
CA ASP A 235 -0.76 -2.99 -2.82
C ASP A 235 -0.27 -4.07 -1.88
N LEU A 236 1.04 -4.17 -1.68
CA LEU A 236 1.59 -5.17 -0.78
C LEU A 236 1.02 -4.98 0.62
N ARG A 237 1.00 -3.72 1.05
CA ARG A 237 0.49 -3.36 2.36
C ARG A 237 -0.98 -3.82 2.48
N GLN A 238 -1.76 -3.60 1.43
CA GLN A 238 -3.16 -4.02 1.40
C GLN A 238 -3.30 -5.55 1.47
N ILE A 239 -2.45 -6.25 0.73
CA ILE A 239 -2.49 -7.71 0.75
C ILE A 239 -2.26 -8.22 2.17
N VAL A 240 -1.34 -7.58 2.89
CA VAL A 240 -1.07 -8.00 4.26
C VAL A 240 -2.26 -7.76 5.18
N THR A 241 -2.85 -6.57 5.10
CA THR A 241 -4.00 -6.28 5.95
C THR A 241 -5.16 -7.21 5.60
N GLU A 242 -5.36 -7.45 4.31
CA GLU A 242 -6.43 -8.36 3.91
C GLU A 242 -6.21 -9.70 4.59
N HIS A 243 -5.01 -10.24 4.40
CA HIS A 243 -4.65 -11.53 4.96
C HIS A 243 -4.88 -11.59 6.46
N VAL A 244 -4.54 -10.52 7.17
CA VAL A 244 -4.73 -10.49 8.62
C VAL A 244 -6.22 -10.52 8.96
N GLN A 245 -7.03 -9.88 8.12
CA GLN A 245 -8.47 -9.87 8.36
C GLN A 245 -9.00 -11.29 8.17
N LEU A 246 -8.47 -11.99 7.17
CA LEU A 246 -8.87 -13.36 6.89
C LEU A 246 -8.45 -14.29 8.03
N LEU A 247 -7.35 -13.97 8.69
CA LEU A 247 -6.86 -14.77 9.82
C LEU A 247 -7.77 -14.59 11.02
N GLN A 248 -8.31 -13.38 11.18
CA GLN A 248 -9.22 -13.10 12.29
C GLN A 248 -10.51 -13.90 12.06
N VAL A 249 -11.04 -13.83 10.85
CA VAL A 249 -12.25 -14.54 10.48
C VAL A 249 -12.10 -16.03 10.78
N ILE A 250 -10.94 -16.59 10.45
CA ILE A 250 -10.69 -18.00 10.68
C ILE A 250 -10.65 -18.30 12.19
N LYS A 251 -9.96 -17.45 12.93
CA LYS A 251 -9.84 -17.61 14.36
C LYS A 251 -11.20 -17.50 15.04
N LYS A 252 -12.09 -16.72 14.43
CA LYS A 252 -13.42 -16.51 14.97
C LYS A 252 -14.44 -17.58 14.60
N THR A 253 -14.29 -18.19 13.43
CA THR A 253 -15.25 -19.19 12.96
C THR A 253 -14.81 -20.63 12.75
N GLU A 254 -13.51 -20.91 12.83
CA GLU A 254 -13.03 -22.30 12.67
C GLU A 254 -12.95 -22.89 14.08
N THR A 255 -13.23 -24.18 14.21
CA THR A 255 -13.21 -24.85 15.51
C THR A 255 -11.99 -24.44 16.31
N ASP A 256 -10.82 -24.57 15.69
CA ASP A 256 -9.58 -24.20 16.34
C ASP A 256 -8.67 -23.78 15.19
N MET A 257 -7.57 -23.11 15.48
CA MET A 257 -6.68 -22.68 14.41
C MET A 257 -5.27 -23.26 14.48
N SER A 258 -4.50 -22.84 15.47
CA SER A 258 -3.11 -23.29 15.65
C SER A 258 -2.19 -22.58 14.67
N LEU A 259 -1.39 -21.66 15.20
CA LEU A 259 -0.46 -20.90 14.39
C LEU A 259 0.95 -21.13 14.97
N HIS A 260 1.90 -21.40 14.09
CA HIS A 260 3.27 -21.64 14.53
C HIS A 260 3.74 -20.50 15.44
N PRO A 261 4.49 -20.83 16.50
CA PRO A 261 5.00 -19.84 17.47
C PRO A 261 5.67 -18.63 16.83
N LEU A 262 6.63 -18.87 15.95
CA LEU A 262 7.33 -17.78 15.29
C LEU A 262 6.32 -16.87 14.60
N LEU A 263 5.30 -17.48 13.98
CA LEU A 263 4.28 -16.71 13.28
C LEU A 263 3.37 -16.00 14.29
N GLN A 264 3.23 -16.62 15.46
CA GLN A 264 2.42 -16.04 16.52
C GLN A 264 3.11 -14.74 16.95
N GLU A 265 4.44 -14.77 17.03
CA GLU A 265 5.18 -13.56 17.42
C GLU A 265 4.93 -12.46 16.41
N ILE A 266 5.13 -12.77 15.14
CA ILE A 266 4.92 -11.81 14.07
C ILE A 266 3.51 -11.23 14.07
N TYR A 267 2.50 -12.10 14.16
CA TYR A 267 1.11 -11.67 14.15
C TYR A 267 0.59 -11.00 15.42
N LYS A 268 1.21 -11.28 16.55
CA LYS A 268 0.76 -10.65 17.80
C LYS A 268 0.71 -9.14 17.61
N ASP A 269 -0.51 -8.59 17.60
CA ASP A 269 -0.70 -7.15 17.43
C ASP A 269 -0.01 -6.63 16.17
N LEU A 270 -0.70 -6.77 15.04
CA LEU A 270 -0.17 -6.34 13.75
C LEU A 270 -1.31 -5.70 12.94
N TYR A 271 -0.97 -4.89 11.95
CA TYR A 271 -2.00 -4.26 11.11
C TYR A 271 -2.64 -5.29 10.19
N GLU B 1 10.07 17.74 -25.07
CA GLU B 1 9.54 16.79 -24.05
C GLU B 1 9.22 17.51 -22.74
N SER B 2 10.18 18.28 -22.23
CA SER B 2 9.99 19.01 -20.99
C SER B 2 8.90 20.06 -21.12
N ALA B 3 8.82 20.68 -22.30
CA ALA B 3 7.83 21.71 -22.54
C ALA B 3 6.41 21.17 -22.37
N ASP B 4 6.14 20.02 -22.98
CA ASP B 4 4.81 19.42 -22.86
C ASP B 4 4.53 19.16 -21.38
N LEU B 5 5.54 18.66 -20.69
CA LEU B 5 5.42 18.33 -19.27
C LEU B 5 5.18 19.59 -18.42
N ARG B 6 5.70 20.72 -18.88
CA ARG B 6 5.51 21.97 -18.14
C ARG B 6 4.13 22.52 -18.45
N ALA B 7 3.67 22.29 -19.67
CA ALA B 7 2.34 22.74 -20.07
C ALA B 7 1.33 21.91 -19.29
N LEU B 8 1.65 20.63 -19.10
CA LEU B 8 0.78 19.73 -18.37
C LEU B 8 0.68 20.15 -16.90
N ALA B 9 1.82 20.46 -16.29
CA ALA B 9 1.85 20.90 -14.91
C ALA B 9 1.06 22.20 -14.77
N LYS B 10 1.18 23.08 -15.76
CA LYS B 10 0.47 24.34 -15.73
C LYS B 10 -1.03 24.08 -15.88
N HIS B 11 -1.39 23.19 -16.80
CA HIS B 11 -2.79 22.87 -17.01
C HIS B 11 -3.46 22.34 -15.74
N LEU B 12 -2.81 21.39 -15.07
CA LEU B 12 -3.34 20.79 -13.85
C LEU B 12 -3.48 21.84 -12.75
N TYR B 13 -2.55 22.80 -12.71
CA TYR B 13 -2.60 23.84 -11.70
C TYR B 13 -3.81 24.75 -11.93
N ASP B 14 -4.06 25.15 -13.17
CA ASP B 14 -5.21 26.00 -13.47
C ASP B 14 -6.51 25.28 -13.10
N SER B 15 -6.58 23.98 -13.40
CA SER B 15 -7.77 23.18 -13.10
C SER B 15 -7.95 23.00 -11.61
N TYR B 16 -6.84 23.01 -10.89
CA TYR B 16 -6.83 22.84 -9.44
C TYR B 16 -7.36 24.10 -8.79
N ILE B 17 -6.87 25.25 -9.26
CA ILE B 17 -7.31 26.54 -8.75
C ILE B 17 -8.81 26.72 -8.97
N LYS B 18 -9.29 26.26 -10.13
CA LYS B 18 -10.71 26.36 -10.47
C LYS B 18 -11.60 25.44 -9.64
N SER B 19 -11.16 24.20 -9.46
CA SER B 19 -11.94 23.20 -8.74
C SER B 19 -11.96 23.30 -7.22
N PHE B 20 -10.86 23.71 -6.61
CA PHE B 20 -10.81 23.76 -5.17
C PHE B 20 -10.84 25.16 -4.58
N PRO B 21 -11.80 25.41 -3.68
CA PRO B 21 -12.02 26.70 -2.99
C PRO B 21 -10.84 27.20 -2.17
N LEU B 22 -10.39 26.41 -1.21
CA LEU B 22 -9.28 26.81 -0.36
C LEU B 22 -7.98 26.09 -0.70
N THR B 23 -7.07 26.82 -1.35
CA THR B 23 -5.77 26.27 -1.74
C THR B 23 -4.88 26.19 -0.50
N LYS B 24 -3.71 25.56 -0.65
CA LYS B 24 -2.78 25.44 0.47
C LYS B 24 -2.10 26.77 0.73
N ALA B 25 -1.96 27.57 -0.32
CA ALA B 25 -1.33 28.88 -0.20
C ALA B 25 -2.13 29.74 0.78
N LYS B 26 -3.44 29.80 0.56
CA LYS B 26 -4.33 30.59 1.41
C LYS B 26 -4.42 30.01 2.82
N ALA B 27 -4.50 28.68 2.91
CA ALA B 27 -4.61 28.01 4.19
C ALA B 27 -3.43 28.34 5.09
N ARG B 28 -2.22 28.09 4.59
CA ARG B 28 -1.01 28.35 5.36
C ARG B 28 -0.87 29.82 5.70
N ALA B 29 -1.55 30.68 4.95
CA ALA B 29 -1.50 32.11 5.20
C ALA B 29 -2.37 32.40 6.42
N ILE B 30 -3.56 31.81 6.44
CA ILE B 30 -4.48 31.98 7.56
C ILE B 30 -3.85 31.41 8.81
N LEU B 31 -3.20 30.26 8.66
CA LEU B 31 -2.55 29.59 9.79
C LEU B 31 -1.31 30.37 10.23
N THR B 32 -0.59 30.93 9.27
CA THR B 32 0.62 31.69 9.56
C THR B 32 0.37 33.16 9.27
N VAL B 42 -11.01 30.00 16.91
CA VAL B 42 -10.27 28.94 17.57
C VAL B 42 -11.13 28.18 18.59
N ILE B 43 -11.33 26.90 18.33
CA ILE B 43 -12.14 26.05 19.21
C ILE B 43 -11.28 25.03 19.96
N TYR B 44 -11.23 25.15 21.29
CA TYR B 44 -10.45 24.25 22.12
C TYR B 44 -11.26 23.47 23.17
N ASP B 45 -12.39 24.01 23.59
CA ASP B 45 -13.22 23.32 24.58
C ASP B 45 -14.71 23.42 24.27
N MET B 46 -15.53 23.20 25.30
CA MET B 46 -16.98 23.26 25.15
C MET B 46 -17.47 24.65 24.79
N ASN B 47 -17.14 25.63 25.63
CA ASN B 47 -17.53 27.02 25.41
C ASN B 47 -17.05 27.52 24.05
N SER B 48 -15.80 27.23 23.72
CA SER B 48 -15.20 27.64 22.46
C SER B 48 -16.16 27.35 21.31
N LEU B 49 -16.46 26.07 21.13
CA LEU B 49 -17.38 25.63 20.07
C LEU B 49 -18.75 26.24 20.30
N MET B 50 -19.31 25.96 21.47
CA MET B 50 -20.64 26.46 21.83
C MET B 50 -20.66 27.98 21.81
N GLN B 67 -24.75 15.21 25.36
CA GLN B 67 -24.14 16.31 24.63
C GLN B 67 -22.80 15.89 24.04
N SER B 68 -21.98 15.21 24.83
CA SER B 68 -20.67 14.76 24.37
C SER B 68 -20.84 14.03 23.04
N LYS B 69 -21.83 13.13 22.98
CA LYS B 69 -22.11 12.36 21.78
C LYS B 69 -22.70 13.26 20.70
N GLU B 70 -23.63 14.13 21.09
CA GLU B 70 -24.28 15.03 20.15
C GLU B 70 -23.27 15.94 19.46
N VAL B 71 -22.36 16.49 20.25
CA VAL B 71 -21.34 17.39 19.72
C VAL B 71 -20.41 16.63 18.77
N ALA B 72 -20.10 15.38 19.09
CA ALA B 72 -19.24 14.57 18.24
C ALA B 72 -19.96 14.23 16.95
N ILE B 73 -21.27 13.96 17.05
CA ILE B 73 -22.08 13.64 15.89
C ILE B 73 -22.19 14.85 14.96
N ARG B 74 -22.39 16.02 15.54
CA ARG B 74 -22.47 17.24 14.75
C ARG B 74 -21.21 17.30 13.89
N ILE B 75 -20.07 17.39 14.57
CA ILE B 75 -18.77 17.46 13.93
C ILE B 75 -18.57 16.37 12.90
N PHE B 76 -18.99 15.16 13.23
CA PHE B 76 -18.85 14.02 12.34
C PHE B 76 -19.69 14.25 11.09
N GLN B 77 -20.84 14.89 11.28
CA GLN B 77 -21.74 15.20 10.18
C GLN B 77 -21.15 16.25 9.27
N GLY B 78 -20.55 17.29 9.88
CA GLY B 78 -19.93 18.35 9.11
C GLY B 78 -18.80 17.84 8.24
N CYS B 79 -18.00 16.92 8.76
CA CYS B 79 -16.88 16.38 8.00
C CYS B 79 -17.41 15.58 6.82
N GLN B 80 -18.39 14.71 7.10
CA GLN B 80 -18.96 13.90 6.04
C GLN B 80 -19.50 14.77 4.92
N PHE B 81 -20.21 15.84 5.29
CA PHE B 81 -20.77 16.69 4.26
C PHE B 81 -19.71 17.49 3.52
N ARG B 82 -18.61 17.81 4.21
CA ARG B 82 -17.55 18.54 3.52
C ARG B 82 -16.97 17.58 2.47
N SER B 83 -16.97 16.29 2.77
CA SER B 83 -16.48 15.28 1.82
C SER B 83 -17.39 15.23 0.61
N VAL B 84 -18.70 15.27 0.86
CA VAL B 84 -19.65 15.24 -0.24
C VAL B 84 -19.34 16.40 -1.19
N GLU B 85 -19.01 17.55 -0.62
CA GLU B 85 -18.68 18.70 -1.43
C GLU B 85 -17.37 18.46 -2.16
N ALA B 86 -16.37 17.92 -1.46
CA ALA B 86 -15.07 17.67 -2.06
C ALA B 86 -15.18 16.69 -3.22
N VAL B 87 -16.09 15.73 -3.11
CA VAL B 87 -16.26 14.75 -4.17
C VAL B 87 -16.64 15.44 -5.48
N GLN B 88 -17.51 16.44 -5.39
CA GLN B 88 -17.94 17.17 -6.58
C GLN B 88 -16.78 17.96 -7.16
N GLU B 89 -15.99 18.57 -6.29
CA GLU B 89 -14.84 19.35 -6.73
C GLU B 89 -13.76 18.46 -7.34
N ILE B 90 -13.52 17.31 -6.73
CA ILE B 90 -12.51 16.38 -7.21
C ILE B 90 -12.93 15.78 -8.55
N THR B 91 -14.23 15.51 -8.68
CA THR B 91 -14.77 14.96 -9.92
C THR B 91 -14.58 15.95 -11.05
N GLU B 92 -14.86 17.22 -10.75
CA GLU B 92 -14.70 18.28 -11.75
C GLU B 92 -13.24 18.35 -12.17
N TYR B 93 -12.35 18.16 -11.21
CA TYR B 93 -10.92 18.21 -11.48
C TYR B 93 -10.46 16.99 -12.29
N ALA B 94 -10.95 15.83 -11.91
CA ALA B 94 -10.60 14.60 -12.61
C ALA B 94 -10.89 14.75 -14.11
N LYS B 95 -12.01 15.38 -14.42
CA LYS B 95 -12.42 15.57 -15.79
C LYS B 95 -11.52 16.51 -16.58
N SER B 96 -10.70 17.29 -15.87
CA SER B 96 -9.79 18.21 -16.56
C SER B 96 -8.45 17.53 -16.86
N ILE B 97 -8.23 16.35 -16.28
CA ILE B 97 -6.99 15.62 -16.51
C ILE B 97 -7.03 15.06 -17.93
N PRO B 98 -6.09 15.48 -18.78
CA PRO B 98 -6.05 15.02 -20.18
C PRO B 98 -6.21 13.51 -20.32
N GLY B 99 -7.23 13.11 -21.07
CA GLY B 99 -7.47 11.70 -21.29
C GLY B 99 -8.40 11.01 -20.32
N PHE B 100 -8.77 11.69 -19.23
CA PHE B 100 -9.64 11.08 -18.23
C PHE B 100 -11.03 10.70 -18.79
N VAL B 101 -11.76 11.68 -19.33
CA VAL B 101 -13.10 11.40 -19.85
C VAL B 101 -13.15 10.49 -21.08
N ASN B 102 -11.98 10.07 -21.56
CA ASN B 102 -11.91 9.18 -22.71
C ASN B 102 -11.86 7.74 -22.24
N LEU B 103 -11.68 7.55 -20.93
CA LEU B 103 -11.63 6.21 -20.38
C LEU B 103 -13.03 5.62 -20.32
N ASP B 104 -13.11 4.30 -20.20
CA ASP B 104 -14.39 3.63 -20.11
C ASP B 104 -15.10 4.18 -18.88
N LEU B 105 -16.32 4.66 -19.07
CA LEU B 105 -17.10 5.23 -17.97
C LEU B 105 -16.99 4.43 -16.68
N ASN B 106 -16.96 3.11 -16.78
CA ASN B 106 -16.85 2.29 -15.58
C ASN B 106 -15.53 2.54 -14.84
N ASP B 107 -14.43 2.68 -15.57
CA ASP B 107 -13.14 2.93 -14.92
C ASP B 107 -13.10 4.33 -14.30
N GLN B 108 -13.77 5.29 -14.93
CA GLN B 108 -13.82 6.65 -14.40
C GLN B 108 -14.46 6.58 -13.01
N VAL B 109 -15.52 5.82 -12.90
CA VAL B 109 -16.21 5.67 -11.63
C VAL B 109 -15.28 5.01 -10.62
N THR B 110 -14.58 3.96 -11.03
CA THR B 110 -13.66 3.24 -10.15
C THR B 110 -12.53 4.16 -9.65
N LEU B 111 -11.88 4.87 -10.56
CA LEU B 111 -10.81 5.79 -10.19
C LEU B 111 -11.28 6.82 -9.18
N LEU B 112 -12.47 7.38 -9.40
CA LEU B 112 -12.98 8.38 -8.45
C LEU B 112 -13.32 7.71 -7.12
N LYS B 113 -14.01 6.58 -7.20
CA LYS B 113 -14.39 5.82 -6.00
C LYS B 113 -13.25 5.64 -5.00
N TYR B 114 -12.14 5.09 -5.47
CA TYR B 114 -10.97 4.82 -4.62
C TYR B 114 -10.01 5.99 -4.43
N GLY B 115 -10.09 6.98 -5.32
CA GLY B 115 -9.19 8.12 -5.21
C GLY B 115 -9.65 9.29 -4.37
N VAL B 116 -10.96 9.52 -4.31
CA VAL B 116 -11.50 10.64 -3.56
C VAL B 116 -11.01 10.80 -2.11
N HIS B 117 -11.02 9.74 -1.32
CA HIS B 117 -10.57 9.92 0.06
C HIS B 117 -9.08 10.12 0.22
N GLU B 118 -8.30 9.57 -0.69
CA GLU B 118 -6.87 9.74 -0.65
C GLU B 118 -6.58 11.20 -0.92
N ILE B 119 -7.31 11.77 -1.88
CA ILE B 119 -7.16 13.17 -2.23
C ILE B 119 -7.68 14.07 -1.12
N ILE B 120 -8.80 13.67 -0.52
CA ILE B 120 -9.38 14.45 0.57
C ILE B 120 -8.40 14.59 1.72
N TYR B 121 -7.77 13.49 2.11
CA TYR B 121 -6.81 13.56 3.21
C TYR B 121 -5.54 14.29 2.80
N THR B 122 -5.19 14.23 1.52
CA THR B 122 -4.00 14.94 1.06
C THR B 122 -4.27 16.43 1.21
N MET B 123 -5.43 16.87 0.71
CA MET B 123 -5.83 18.28 0.78
C MET B 123 -6.07 18.72 2.22
N LEU B 124 -6.65 17.85 3.04
CA LEU B 124 -6.92 18.18 4.43
C LEU B 124 -5.63 18.58 5.12
N ALA B 125 -4.55 17.87 4.81
CA ALA B 125 -3.24 18.17 5.39
C ALA B 125 -2.91 19.65 5.23
N SER B 126 -3.39 20.25 4.14
CA SER B 126 -3.12 21.67 3.86
C SER B 126 -3.74 22.62 4.87
N LEU B 127 -4.70 22.14 5.66
CA LEU B 127 -5.36 22.98 6.64
C LEU B 127 -4.92 22.60 8.05
N MET B 128 -3.91 21.74 8.14
CA MET B 128 -3.44 21.27 9.43
C MET B 128 -2.00 21.61 9.80
N ASN B 129 -1.78 21.62 11.12
CA ASN B 129 -0.47 21.82 11.72
C ASN B 129 -0.57 20.89 12.92
N LYS B 130 0.50 20.71 13.69
CA LYS B 130 0.43 19.78 14.81
C LYS B 130 -0.57 20.16 15.91
N ASP B 131 -1.00 21.41 15.92
CA ASP B 131 -1.91 21.89 16.94
C ASP B 131 -3.40 21.83 16.63
N GLY B 132 -3.75 21.86 15.35
CA GLY B 132 -5.16 21.80 14.99
C GLY B 132 -5.40 21.81 13.49
N VAL B 133 -6.60 22.24 13.10
CA VAL B 133 -6.98 22.27 11.69
C VAL B 133 -7.97 23.39 11.40
N LEU B 134 -7.95 23.88 10.16
CA LEU B 134 -8.87 24.93 9.74
C LEU B 134 -10.21 24.34 9.36
N ILE B 135 -11.29 25.04 9.75
CA ILE B 135 -12.63 24.58 9.42
C ILE B 135 -13.39 25.80 8.88
N SER B 136 -14.64 25.59 8.49
CA SER B 136 -15.46 26.67 7.96
C SER B 136 -14.73 27.41 6.84
N GLU B 137 -14.06 26.66 5.98
CA GLU B 137 -13.32 27.22 4.86
C GLU B 137 -12.34 28.32 5.30
N GLY B 138 -11.85 28.22 6.53
CA GLY B 138 -10.92 29.22 7.01
C GLY B 138 -11.48 30.16 8.07
N GLN B 139 -12.79 30.14 8.27
CA GLN B 139 -13.42 31.02 9.26
C GLN B 139 -12.90 30.73 10.66
N GLY B 140 -12.92 29.46 11.05
CA GLY B 140 -12.46 29.09 12.37
C GLY B 140 -11.32 28.08 12.36
N PHE B 141 -10.86 27.71 13.55
CA PHE B 141 -9.77 26.75 13.70
C PHE B 141 -10.00 25.87 14.91
N MET B 142 -10.21 24.57 14.66
CA MET B 142 -10.46 23.61 15.72
C MET B 142 -9.17 22.86 16.10
N THR B 143 -8.84 22.87 17.38
CA THR B 143 -7.62 22.24 17.86
C THR B 143 -7.63 20.71 17.94
N ARG B 144 -6.44 20.15 17.84
CA ARG B 144 -6.22 18.71 17.90
C ARG B 144 -6.65 18.16 19.26
N GLU B 145 -6.25 18.82 20.34
CA GLU B 145 -6.63 18.37 21.67
C GLU B 145 -8.14 18.27 21.83
N PHE B 146 -8.86 19.28 21.33
CA PHE B 146 -10.30 19.29 21.40
C PHE B 146 -10.87 18.04 20.74
N LEU B 147 -10.55 17.85 19.46
CA LEU B 147 -11.02 16.68 18.71
C LEU B 147 -10.59 15.39 19.39
N LYS B 148 -9.45 15.47 20.09
CA LYS B 148 -8.88 14.34 20.80
C LYS B 148 -9.66 14.02 22.08
N SER B 149 -10.62 14.87 22.42
CA SER B 149 -11.40 14.67 23.65
C SER B 149 -12.84 14.22 23.42
N LEU B 150 -13.21 13.89 22.18
CA LEU B 150 -14.57 13.44 21.92
C LEU B 150 -14.78 12.04 22.47
N ARG B 151 -16.04 11.66 22.64
CA ARG B 151 -16.41 10.35 23.18
C ARG B 151 -15.84 9.13 22.45
N LYS B 152 -15.38 8.16 23.25
CA LYS B 152 -14.80 6.90 22.80
C LYS B 152 -14.43 6.73 21.32
N PRO B 153 -15.42 6.43 20.45
CA PRO B 153 -15.10 6.25 19.03
C PRO B 153 -14.53 7.49 18.36
N PHE B 154 -15.33 8.55 18.38
CA PHE B 154 -15.00 9.82 17.77
C PHE B 154 -13.69 10.48 18.24
N GLY B 155 -13.29 10.19 19.48
CA GLY B 155 -12.07 10.78 20.00
C GLY B 155 -10.81 10.48 19.21
N ASP B 156 -10.80 9.38 18.47
CA ASP B 156 -9.63 9.01 17.68
C ASP B 156 -9.94 8.85 16.20
N PHE B 157 -10.66 9.79 15.62
CA PHE B 157 -10.98 9.69 14.21
C PHE B 157 -10.13 10.66 13.41
N MET B 158 -9.55 11.65 14.09
CA MET B 158 -8.71 12.64 13.44
C MET B 158 -7.23 12.49 13.73
N GLU B 159 -6.87 11.79 14.81
CA GLU B 159 -5.46 11.64 15.15
C GLU B 159 -4.63 11.04 14.02
N PRO B 160 -5.08 9.93 13.42
CA PRO B 160 -4.30 9.35 12.34
C PRO B 160 -4.07 10.40 11.24
N LYS B 161 -5.03 11.30 11.07
CA LYS B 161 -4.91 12.36 10.06
C LYS B 161 -3.88 13.42 10.42
N PHE B 162 -3.82 13.79 11.69
CA PHE B 162 -2.84 14.78 12.14
C PHE B 162 -1.45 14.19 12.08
N GLU B 163 -1.32 12.92 12.46
CA GLU B 163 -0.03 12.26 12.42
C GLU B 163 0.45 12.29 10.97
N PHE B 164 -0.41 11.82 10.08
CA PHE B 164 -0.09 11.81 8.66
C PHE B 164 0.24 13.22 8.18
N ALA B 165 -0.62 14.17 8.50
CA ALA B 165 -0.46 15.56 8.07
C ALA B 165 0.87 16.18 8.51
N VAL B 166 1.27 15.93 9.75
CA VAL B 166 2.52 16.49 10.25
C VAL B 166 3.71 16.15 9.35
N LYS B 167 3.81 14.89 8.94
CA LYS B 167 4.92 14.50 8.08
C LYS B 167 4.74 14.78 6.59
N PHE B 168 3.50 14.83 6.13
CA PHE B 168 3.25 15.13 4.73
C PHE B 168 3.62 16.59 4.52
N ASN B 169 3.27 17.43 5.49
CA ASN B 169 3.58 18.85 5.39
C ASN B 169 5.08 19.13 5.53
N ALA B 170 5.81 18.17 6.08
CA ALA B 170 7.25 18.33 6.24
C ALA B 170 7.91 18.37 4.86
N LEU B 171 7.30 17.71 3.89
CA LEU B 171 7.83 17.69 2.52
C LEU B 171 7.72 19.10 1.94
N GLU B 172 6.91 19.94 2.56
CA GLU B 172 6.74 21.32 2.14
C GLU B 172 6.32 21.50 0.68
N LEU B 173 5.37 20.69 0.24
CA LEU B 173 4.88 20.79 -1.14
C LEU B 173 3.96 22.01 -1.27
N ASP B 174 3.86 22.58 -2.46
CA ASP B 174 2.95 23.70 -2.63
C ASP B 174 1.80 23.29 -3.56
N ASP B 175 0.93 24.25 -3.88
CA ASP B 175 -0.22 23.99 -4.72
C ASP B 175 0.07 23.43 -6.11
N SER B 176 1.11 23.93 -6.75
CA SER B 176 1.42 23.45 -8.09
C SER B 176 1.95 22.02 -8.01
N ASP B 177 2.63 21.68 -6.91
CA ASP B 177 3.13 20.31 -6.75
C ASP B 177 1.91 19.40 -6.49
N LEU B 178 1.07 19.82 -5.55
CA LEU B 178 -0.12 19.07 -5.16
C LEU B 178 -1.12 18.78 -6.30
N ALA B 179 -1.27 19.72 -7.22
CA ALA B 179 -2.19 19.54 -8.33
C ALA B 179 -1.81 18.32 -9.16
N ILE B 180 -0.51 18.15 -9.39
CA ILE B 180 -0.07 17.02 -10.20
C ILE B 180 -0.15 15.72 -9.40
N PHE B 181 0.25 15.79 -8.14
CA PHE B 181 0.23 14.62 -7.25
C PHE B 181 -1.18 14.03 -7.13
N ILE B 182 -2.16 14.90 -6.97
CA ILE B 182 -3.55 14.48 -6.88
C ILE B 182 -3.99 13.77 -8.16
N ALA B 183 -3.52 14.27 -9.30
CA ALA B 183 -3.87 13.66 -10.57
C ALA B 183 -3.25 12.26 -10.59
N VAL B 184 -2.01 12.18 -10.12
CA VAL B 184 -1.30 10.91 -10.05
C VAL B 184 -2.13 9.93 -9.23
N ILE B 185 -2.66 10.38 -8.09
CA ILE B 185 -3.48 9.53 -7.25
C ILE B 185 -4.69 8.95 -8.02
N ILE B 186 -5.37 9.81 -8.77
CA ILE B 186 -6.54 9.40 -9.53
C ILE B 186 -6.24 8.36 -10.59
N LEU B 187 -5.23 8.62 -11.42
CA LEU B 187 -4.87 7.69 -12.48
C LEU B 187 -4.08 6.47 -12.02
N SER B 188 -4.62 5.75 -11.04
CA SER B 188 -3.98 4.55 -10.51
C SER B 188 -4.51 3.30 -11.19
N GLY B 189 -3.66 2.64 -11.97
CA GLY B 189 -4.08 1.43 -12.66
C GLY B 189 -4.16 0.22 -11.75
N ASP B 190 -3.94 0.43 -10.45
CA ASP B 190 -3.98 -0.66 -9.49
C ASP B 190 -5.31 -0.76 -8.72
N ARG B 191 -6.27 0.07 -9.08
CA ARG B 191 -7.56 0.02 -8.40
C ARG B 191 -8.29 -1.25 -8.83
N PRO B 192 -9.04 -1.86 -7.91
CA PRO B 192 -9.82 -3.08 -8.13
C PRO B 192 -10.95 -2.92 -9.14
N GLY B 193 -11.04 -3.84 -10.09
CA GLY B 193 -12.12 -3.81 -11.05
C GLY B 193 -12.03 -2.90 -12.27
N LEU B 194 -10.82 -2.57 -12.69
CA LEU B 194 -10.66 -1.73 -13.87
C LEU B 194 -10.76 -2.60 -15.13
N LEU B 195 -11.49 -2.11 -16.12
CA LEU B 195 -11.65 -2.85 -17.37
C LEU B 195 -10.35 -2.81 -18.16
N ASN B 196 -9.96 -1.62 -18.62
CA ASN B 196 -8.73 -1.43 -19.38
C ASN B 196 -7.70 -0.60 -18.62
N VAL B 197 -6.73 -1.30 -18.04
CA VAL B 197 -5.67 -0.70 -17.23
C VAL B 197 -4.60 0.07 -18.03
N LYS B 198 -4.32 -0.40 -19.24
CA LYS B 198 -3.30 0.21 -20.09
C LYS B 198 -3.39 1.72 -20.30
N PRO B 199 -4.56 2.22 -20.75
CA PRO B 199 -4.69 3.66 -20.96
C PRO B 199 -4.47 4.47 -19.69
N ILE B 200 -4.86 3.89 -18.55
CA ILE B 200 -4.71 4.55 -17.26
C ILE B 200 -3.22 4.66 -16.90
N GLU B 201 -2.49 3.56 -17.11
CA GLU B 201 -1.06 3.53 -16.82
C GLU B 201 -0.27 4.48 -17.72
N ASP B 202 -0.64 4.56 -18.99
CA ASP B 202 0.08 5.45 -19.91
C ASP B 202 -0.11 6.90 -19.48
N ILE B 203 -1.30 7.23 -19.00
CA ILE B 203 -1.57 8.59 -18.55
C ILE B 203 -0.82 8.88 -17.26
N GLN B 204 -0.88 7.98 -16.28
CA GLN B 204 -0.18 8.21 -15.02
C GLN B 204 1.31 8.38 -15.29
N ASP B 205 1.80 7.71 -16.34
CA ASP B 205 3.22 7.78 -16.71
C ASP B 205 3.60 9.23 -17.03
N ASN B 206 2.78 9.90 -17.84
CA ASN B 206 3.05 11.30 -18.16
C ASN B 206 2.88 12.17 -16.91
N LEU B 207 1.86 11.87 -16.12
CA LEU B 207 1.63 12.63 -14.90
C LEU B 207 2.85 12.53 -13.98
N LEU B 208 3.41 11.32 -13.88
CA LEU B 208 4.59 11.06 -13.07
C LEU B 208 5.81 11.80 -13.62
N GLN B 209 5.97 11.83 -14.93
CA GLN B 209 7.11 12.53 -15.51
C GLN B 209 6.97 14.00 -15.18
N ALA B 210 5.75 14.53 -15.32
CA ALA B 210 5.49 15.92 -15.04
C ALA B 210 5.74 16.24 -13.58
N LEU B 211 5.29 15.36 -12.69
CA LEU B 211 5.48 15.58 -11.26
C LEU B 211 6.96 15.59 -10.93
N GLU B 212 7.68 14.60 -11.44
CA GLU B 212 9.11 14.50 -11.19
C GLU B 212 9.83 15.77 -11.66
N LEU B 213 9.52 16.21 -12.87
CA LEU B 213 10.16 17.41 -13.39
C LEU B 213 9.80 18.61 -12.51
N GLN B 214 8.54 18.66 -12.07
CA GLN B 214 8.07 19.76 -11.22
C GLN B 214 8.85 19.82 -9.90
N LEU B 215 9.00 18.68 -9.24
CA LEU B 215 9.71 18.64 -7.97
C LEU B 215 11.18 19.03 -8.13
N LYS B 216 11.82 18.54 -9.18
CA LYS B 216 13.23 18.85 -9.42
C LYS B 216 13.46 20.35 -9.56
N LEU B 217 12.62 21.02 -10.33
CA LEU B 217 12.74 22.46 -10.56
C LEU B 217 12.28 23.29 -9.36
N ASN B 218 11.29 22.79 -8.64
CA ASN B 218 10.70 23.52 -7.53
C ASN B 218 11.31 23.21 -6.16
N HIS B 219 12.02 22.08 -6.08
CA HIS B 219 12.65 21.65 -4.83
C HIS B 219 14.03 21.07 -5.12
N PRO B 220 14.96 21.90 -5.58
CA PRO B 220 16.34 21.52 -5.93
C PRO B 220 17.16 20.81 -4.84
N GLU B 221 17.05 21.25 -3.59
CA GLU B 221 17.84 20.63 -2.52
C GLU B 221 17.11 19.53 -1.76
N SER B 222 15.89 19.19 -2.18
CA SER B 222 15.12 18.15 -1.51
C SER B 222 15.53 16.77 -2.00
N SER B 223 16.08 15.96 -1.10
CA SER B 223 16.53 14.62 -1.44
C SER B 223 15.43 13.58 -1.57
N GLN B 224 15.39 12.92 -2.74
CA GLN B 224 14.39 11.90 -3.01
C GLN B 224 12.98 12.36 -2.67
N LEU B 225 12.70 13.64 -2.89
CA LEU B 225 11.38 14.18 -2.60
C LEU B 225 10.33 13.39 -3.40
N PHE B 226 10.63 13.14 -4.68
CA PHE B 226 9.72 12.41 -5.56
C PHE B 226 9.31 11.07 -4.93
N ALA B 227 10.32 10.28 -4.56
CA ALA B 227 10.08 8.98 -3.95
C ALA B 227 9.36 9.09 -2.62
N LYS B 228 9.75 10.07 -1.81
CA LYS B 228 9.10 10.24 -0.50
C LYS B 228 7.63 10.58 -0.67
N LEU B 229 7.33 11.52 -1.57
CA LEU B 229 5.94 11.89 -1.83
C LEU B 229 5.18 10.64 -2.29
N LEU B 230 5.72 9.92 -3.27
CA LEU B 230 5.05 8.73 -3.77
C LEU B 230 4.78 7.71 -2.66
N GLN B 231 5.66 7.66 -1.66
CA GLN B 231 5.49 6.75 -0.54
C GLN B 231 4.30 7.14 0.31
N LYS B 232 3.92 8.41 0.27
CA LYS B 232 2.79 8.88 1.07
C LYS B 232 1.47 8.27 0.60
N MET B 233 1.43 7.79 -0.64
CA MET B 233 0.21 7.18 -1.15
C MET B 233 -0.11 5.95 -0.31
N THR B 234 0.92 5.29 0.23
CA THR B 234 0.71 4.13 1.08
C THR B 234 0.15 4.62 2.41
N ASP B 235 0.63 5.78 2.86
CA ASP B 235 0.12 6.36 4.10
C ASP B 235 -1.35 6.68 3.90
N LEU B 236 -1.66 7.35 2.79
CA LEU B 236 -3.03 7.71 2.46
C LEU B 236 -3.95 6.51 2.47
N ARG B 237 -3.53 5.44 1.81
CA ARG B 237 -4.33 4.21 1.74
C ARG B 237 -4.61 3.64 3.12
N GLN B 238 -3.61 3.70 4.00
CA GLN B 238 -3.74 3.16 5.34
C GLN B 238 -4.73 3.96 6.17
N ILE B 239 -4.68 5.28 6.03
CA ILE B 239 -5.58 6.17 6.75
C ILE B 239 -7.03 5.86 6.31
N VAL B 240 -7.21 5.62 5.02
CA VAL B 240 -8.54 5.31 4.51
C VAL B 240 -9.10 4.01 5.09
N THR B 241 -8.42 2.90 4.82
CA THR B 241 -8.84 1.59 5.32
C THR B 241 -9.13 1.64 6.81
N GLU B 242 -8.27 2.33 7.54
CA GLU B 242 -8.42 2.48 8.98
C GLU B 242 -9.70 3.24 9.30
N HIS B 243 -9.89 4.37 8.63
CA HIS B 243 -11.09 5.18 8.85
C HIS B 243 -12.33 4.33 8.60
N VAL B 244 -12.27 3.48 7.57
CA VAL B 244 -13.37 2.59 7.23
C VAL B 244 -13.67 1.66 8.39
N GLN B 245 -12.64 1.12 9.02
CA GLN B 245 -12.82 0.23 10.16
C GLN B 245 -13.53 0.95 11.29
N LEU B 246 -13.16 2.21 11.51
CA LEU B 246 -13.79 3.02 12.55
C LEU B 246 -15.28 3.18 12.25
N LEU B 247 -15.61 3.45 10.99
CA LEU B 247 -17.01 3.61 10.60
C LEU B 247 -17.78 2.33 10.85
N GLN B 248 -17.17 1.19 10.56
CA GLN B 248 -17.82 -0.10 10.76
C GLN B 248 -18.04 -0.33 12.26
N VAL B 249 -17.16 0.24 13.07
CA VAL B 249 -17.27 0.13 14.53
C VAL B 249 -18.40 1.04 14.99
N ILE B 250 -18.42 2.26 14.47
CA ILE B 250 -19.44 3.24 14.80
C ILE B 250 -20.84 2.74 14.41
N LYS B 251 -20.93 2.04 13.29
CA LYS B 251 -22.22 1.52 12.84
C LYS B 251 -22.82 0.51 13.82
N LYS B 252 -21.99 -0.34 14.39
CA LYS B 252 -22.47 -1.36 15.32
C LYS B 252 -22.55 -0.96 16.80
N THR B 253 -22.07 0.24 17.13
CA THR B 253 -22.10 0.68 18.52
C THR B 253 -22.84 2.00 18.75
N GLU B 254 -23.24 2.67 17.67
CA GLU B 254 -23.94 3.94 17.80
C GLU B 254 -25.33 3.88 17.20
N THR B 255 -26.23 4.67 17.77
CA THR B 255 -27.62 4.71 17.33
C THR B 255 -28.02 6.05 16.74
N ASP B 256 -29.03 6.02 15.87
CA ASP B 256 -29.57 7.21 15.25
C ASP B 256 -28.57 8.04 14.42
N MET B 257 -27.76 7.37 13.62
CA MET B 257 -26.81 8.06 12.76
C MET B 257 -26.95 7.60 11.32
N SER B 258 -26.83 8.54 10.38
CA SER B 258 -26.95 8.21 8.97
C SER B 258 -25.82 8.77 8.13
N LEU B 259 -25.10 7.86 7.47
CA LEU B 259 -24.01 8.23 6.59
C LEU B 259 -24.65 8.78 5.31
N HIS B 260 -24.10 9.87 4.79
CA HIS B 260 -24.65 10.46 3.58
C HIS B 260 -24.63 9.45 2.42
N PRO B 261 -25.70 9.44 1.59
CA PRO B 261 -25.82 8.54 0.45
C PRO B 261 -24.61 8.48 -0.48
N LEU B 262 -24.00 9.62 -0.76
CA LEU B 262 -22.85 9.63 -1.64
C LEU B 262 -21.67 8.89 -1.02
N LEU B 263 -21.51 9.04 0.28
CA LEU B 263 -20.41 8.36 0.99
C LEU B 263 -20.65 6.85 1.10
N GLN B 264 -21.92 6.46 1.22
CA GLN B 264 -22.25 5.04 1.30
C GLN B 264 -21.90 4.39 -0.04
N GLU B 265 -22.12 5.15 -1.10
CA GLU B 265 -21.83 4.71 -2.46
C GLU B 265 -20.32 4.50 -2.56
N ILE B 266 -19.56 5.48 -2.11
CA ILE B 266 -18.11 5.43 -2.18
C ILE B 266 -17.50 4.36 -1.29
N TYR B 267 -17.93 4.28 -0.03
CA TYR B 267 -17.40 3.29 0.89
C TYR B 267 -17.89 1.86 0.57
N LYS B 268 -18.98 1.78 -0.18
CA LYS B 268 -19.57 0.52 -0.60
C LYS B 268 -18.55 -0.43 -1.24
N ASP B 269 -18.28 -1.56 -0.60
CA ASP B 269 -17.34 -2.54 -1.13
C ASP B 269 -16.06 -1.85 -1.56
N LEU B 270 -15.43 -1.17 -0.62
CA LEU B 270 -14.20 -0.43 -0.89
C LEU B 270 -12.97 -1.33 -0.65
N TYR B 271 -12.34 -1.73 -1.75
CA TYR B 271 -11.15 -2.59 -1.75
C TYR B 271 -11.46 -4.08 -1.82
N GLN C 6 5.24 -8.39 24.92
CA GLN C 6 5.94 -8.25 23.62
C GLN C 6 6.80 -9.46 23.32
N THR C 7 7.64 -9.85 24.28
CA THR C 7 8.53 -10.99 24.15
C THR C 7 9.34 -10.96 22.86
N SER C 8 8.77 -11.51 21.80
CA SER C 8 9.44 -11.57 20.50
C SER C 8 10.77 -12.30 20.67
N HIS C 9 10.77 -13.26 21.60
CA HIS C 9 11.96 -14.04 21.90
C HIS C 9 12.61 -14.71 20.70
N LYS C 10 11.83 -15.34 19.84
CA LYS C 10 12.41 -15.99 18.67
C LYS C 10 12.92 -14.99 17.64
N LEU C 11 12.22 -13.88 17.46
CA LEU C 11 12.70 -12.90 16.50
C LEU C 11 14.02 -12.31 16.98
N VAL C 12 14.06 -11.84 18.23
CA VAL C 12 15.29 -11.26 18.76
C VAL C 12 16.40 -12.29 18.65
N GLN C 13 16.05 -13.55 18.89
CA GLN C 13 17.01 -14.63 18.80
C GLN C 13 17.56 -14.73 17.37
N LEU C 14 16.69 -14.68 16.38
CA LEU C 14 17.12 -14.75 14.99
C LEU C 14 17.96 -13.54 14.63
N LEU C 15 17.56 -12.38 15.13
CA LEU C 15 18.25 -11.12 14.89
C LEU C 15 19.64 -11.01 15.52
N THR C 16 19.92 -11.81 16.54
CA THR C 16 21.21 -11.72 17.21
C THR C 16 22.13 -12.94 17.12
N THR C 17 21.73 -13.97 16.39
CA THR C 17 22.56 -15.17 16.29
C THR C 17 23.59 -15.10 15.17
N THR C 18 24.52 -16.07 15.20
CA THR C 18 25.60 -16.18 14.24
C THR C 18 26.29 -14.84 14.01
N GLU C 63 -25.20 3.58 -4.41
CA GLU C 63 -26.00 2.56 -5.09
C GLU C 63 -25.52 2.40 -6.53
N ARG C 64 -24.74 1.35 -6.77
CA ARG C 64 -24.19 1.10 -8.10
C ARG C 64 -23.43 2.31 -8.62
N HIS C 65 -23.12 3.24 -7.73
CA HIS C 65 -22.40 4.44 -8.10
C HIS C 65 -23.27 5.35 -8.97
N LYS C 66 -24.57 5.38 -8.67
CA LYS C 66 -25.51 6.21 -9.42
C LYS C 66 -25.21 7.70 -9.26
N ILE C 67 -24.84 8.10 -8.04
CA ILE C 67 -24.53 9.50 -7.79
C ILE C 67 -23.24 9.90 -8.46
N LEU C 68 -22.22 9.06 -8.35
CA LEU C 68 -20.92 9.33 -8.97
C LEU C 68 -21.07 9.41 -10.48
N HIS C 69 -21.78 8.43 -11.05
CA HIS C 69 -22.02 8.39 -12.48
C HIS C 69 -22.65 9.72 -12.91
N ARG C 70 -23.58 10.20 -12.10
CA ARG C 70 -24.26 11.45 -12.37
C ARG C 70 -23.33 12.66 -12.29
N LEU C 71 -22.45 12.69 -11.29
CA LEU C 71 -21.51 13.80 -11.14
C LEU C 71 -20.57 13.86 -12.34
N LEU C 72 -20.22 12.68 -12.86
CA LEU C 72 -19.34 12.56 -14.03
C LEU C 72 -20.08 12.84 -15.33
N GLN C 73 -21.28 12.30 -15.43
CA GLN C 73 -22.09 12.46 -16.63
C GLN C 73 -22.53 13.90 -16.85
N GLU C 74 -22.60 14.68 -15.77
CA GLU C 74 -23.02 16.08 -15.89
C GLU C 74 -22.02 16.95 -16.65
N GLY C 75 -21.73 18.12 -16.09
CA GLY C 75 -20.81 19.05 -16.73
C GLY C 75 -19.45 18.50 -17.10
N SER C 76 -19.30 18.08 -18.35
CA SER C 76 -18.03 17.53 -18.85
C SER C 76 -16.90 18.56 -18.85
N PRO C 77 -15.67 18.15 -19.25
CA PRO C 77 -14.48 19.01 -19.31
C PRO C 77 -14.58 20.22 -20.24
N SER C 78 -13.61 20.31 -21.16
CA SER C 78 -13.52 21.38 -22.14
C SER C 78 -12.80 22.62 -21.61
N ASP C 79 -11.76 23.05 -22.32
CA ASP C 79 -10.97 24.21 -21.94
C ASP C 79 -11.62 25.48 -22.50
N ILE C 80 -11.00 26.63 -22.25
CA ILE C 80 -11.52 27.91 -22.73
C ILE C 80 -11.82 27.81 -24.22
N THR C 81 -13.10 27.94 -24.58
CA THR C 81 -13.53 27.85 -25.97
C THR C 81 -13.28 26.44 -26.53
S1 BRL D . 0.00 -18.43 5.20
O2 BRL D . -1.41 -17.67 7.34
O4 BRL D . 2.77 -16.14 6.80
O13 BRL D . 2.71 -20.07 -0.84
N3 BRL D . 0.63 -16.78 7.22
N16 BRL D . 3.50 -22.94 -1.45
N18 BRL D . 3.42 -24.98 0.15
C2 BRL D . -0.33 -17.56 6.75
C4 BRL D . 1.74 -16.75 6.47
C5 BRL D . 1.64 -17.57 5.19
C6 BRL D . 1.91 -16.77 3.84
C7 BRL D . 2.14 -17.54 2.57
C8 BRL D . 3.42 -18.18 2.24
C9 BRL D . 3.53 -19.00 1.09
C10 BRL D . 2.40 -19.20 0.21
C11 BRL D . 1.15 -18.49 0.50
C12 BRL D . 1.02 -17.67 1.67
C14 BRL D . 1.88 -20.85 -1.78
C15 BRL D . 2.87 -21.88 -2.36
C16 BRL D . 5.02 -22.69 -1.42
C17 BRL D . 2.77 -24.18 -0.76
C19 BRL D . 2.84 -26.03 0.79
C20 BRL D . 1.46 -26.40 0.53
C21 BRL D . 0.72 -25.61 -0.41
C22 BRL D . 1.36 -24.51 -1.07
S1 BRL E . -15.82 11.91 7.66
O2 BRL E . -16.78 9.49 7.97
O4 BRL E . -15.58 10.93 3.97
O13 BRL E . -12.29 17.80 8.15
N3 BRL E . -16.49 10.17 5.87
N16 BRL E . -13.20 20.56 8.97
N18 BRL E . -15.76 21.04 9.09
C2 BRL E . -16.44 10.37 7.16
C4 BRL E . -15.74 11.02 5.20
C5 BRL E . -15.19 12.16 6.01
C6 BRL E . -13.65 12.57 5.92
C7 BRL E . -13.22 13.93 6.53
C8 BRL E . -13.51 15.19 5.86
C9 BRL E . -13.18 16.42 6.49
C10 BRL E . -12.53 16.46 7.77
C11 BRL E . -12.20 15.19 8.42
C12 BRL E . -12.56 13.93 7.82
C14 BRL E . -11.76 18.35 9.44
C15 BRL E . -11.90 19.89 9.44
C16 BRL E . -12.88 21.33 7.70
C17 BRL E . -14.60 20.58 9.71
C19 BRL E . -16.98 21.11 9.69
C20 BRL E . -17.16 20.67 11.06
C21 BRL E . -16.02 20.15 11.77
C22 BRL E . -14.75 20.10 11.10
#